data_6KCQ
#
_entry.id   6KCQ
#
_cell.length_a   70.671
_cell.length_b   70.671
_cell.length_c   44.423
_cell.angle_alpha   90.00
_cell.angle_beta   90.00
_cell.angle_gamma   90.00
#
_symmetry.space_group_name_H-M   'P 43'
#
loop_
_entity.id
_entity.type
_entity.pdbx_description
1 polymer 'SOS response-associated protein'
2 polymer "DNA (5'-D(P*AP*AP*AP*(PED)P*AP*A)-3')"
3 water water
#
loop_
_entity_poly.entity_id
_entity_poly.type
_entity_poly.pdbx_seq_one_letter_code
_entity_poly.pdbx_strand_id
1 'polypeptide(L)'
;MCGRFAQSQTREDYLALLAEDIERDIPYDPEPIGRYNVAPGTKVLLLSERDEHLHLDPVFWGYAPGWWDKPPLINARVET
AATSRMFKPLWQHGRAICFADGWFEWKKEGDKKQPFFIYRADGQPIFMAAIGSTPFERGDEAEGFLIVTAAADQGLVDIH
DRRPLVLSPEAAREWMRQEISGKEASEIAASGCVPANQFSWHPVSRAVGNVKNQGAELIQPVLEVLFQ
;
B
2 'polydeoxyribonucleotide' (DA)(DA)(DA)(DA)(DA)(PED)(DA)(DA)(DA)(DA)(DA) A
#
loop_
_chem_comp.id
_chem_comp.type
_chem_comp.name
_chem_comp.formula
DA DNA linking 2'-DEOXYADENOSINE-5'-MONOPHOSPHATE 'C10 H14 N5 O6 P'
PED non-polymer PENTANE-3,4-DIOL-5-PHOSPHATE 'C5 H13 O6 P'
#
# COMPACT_ATOMS: atom_id res chain seq x y z
N CYS A 2 -3.95 -3.43 -8.13
CA CYS A 2 -2.70 -3.36 -7.36
C CYS A 2 -2.66 -4.55 -6.45
N GLY A 3 -2.62 -5.73 -7.04
CA GLY A 3 -2.54 -6.94 -6.24
C GLY A 3 -1.12 -7.48 -6.14
N ARG A 4 -0.14 -6.65 -6.48
CA ARG A 4 1.29 -6.94 -6.29
C ARG A 4 2.03 -5.62 -6.27
N PHE A 5 3.11 -5.56 -5.50
CA PHE A 5 3.95 -4.37 -5.51
C PHE A 5 5.35 -4.76 -5.09
N ALA A 6 6.25 -3.77 -5.07
CA ALA A 6 7.65 -3.97 -4.72
C ALA A 6 7.97 -3.17 -3.47
N GLN A 7 8.74 -3.78 -2.53
CA GLN A 7 9.13 -3.15 -1.29
C GLN A 7 10.56 -3.63 -1.04
N SER A 8 11.53 -3.01 -1.75
CA SER A 8 12.86 -3.58 -1.87
C SER A 8 13.96 -2.84 -1.13
N GLN A 9 13.72 -1.58 -0.76
CA GLN A 9 14.81 -0.77 -0.21
C GLN A 9 14.91 -0.95 1.31
N THR A 10 15.84 -0.23 1.93
CA THR A 10 15.94 -0.33 3.39
C THR A 10 14.80 0.41 4.07
N ARG A 11 14.55 0.05 5.33
CA ARG A 11 13.56 0.78 6.11
C ARG A 11 13.85 2.27 6.13
N GLU A 12 15.12 2.65 6.26
CA GLU A 12 15.48 4.06 6.31
C GLU A 12 15.14 4.77 5.00
N ASP A 13 15.32 4.08 3.86
CA ASP A 13 14.99 4.68 2.58
C ASP A 13 13.55 5.18 2.55
N TYR A 14 12.63 4.48 3.21
CA TYR A 14 11.23 4.88 3.27
C TYR A 14 10.95 5.85 4.41
N LEU A 15 11.44 5.50 5.60
CA LEU A 15 11.10 6.25 6.82
C LEU A 15 11.68 7.65 6.81
N ALA A 16 12.81 7.85 6.13
CA ALA A 16 13.47 9.16 6.13
C ALA A 16 12.57 10.25 5.56
N LEU A 17 11.64 9.90 4.66
CA LEU A 17 10.74 10.90 4.10
C LEU A 17 9.59 11.26 5.03
N LEU A 18 9.39 10.49 6.11
CA LEU A 18 8.22 10.60 6.97
C LEU A 18 8.53 11.10 8.37
N ALA A 19 9.61 10.65 9.00
CA ALA A 19 9.80 10.96 10.40
C ALA A 19 11.22 10.65 10.83
N GLU A 20 11.78 11.50 11.69
CA GLU A 20 13.08 11.26 12.29
C GLU A 20 12.96 10.28 13.46
N ASP A 21 14.11 9.84 13.98
CA ASP A 21 14.14 8.78 14.98
C ASP A 21 13.29 9.10 16.20
N ILE A 22 13.26 10.38 16.60
CA ILE A 22 12.51 10.74 17.81
C ILE A 22 11.03 10.43 17.70
N GLU A 23 10.50 10.34 16.48
CA GLU A 23 9.10 10.03 16.26
C GLU A 23 8.85 8.55 16.04
N ARG A 24 9.90 7.74 16.02
CA ARG A 24 9.78 6.32 15.74
C ARG A 24 9.89 5.47 17.01
N ASP A 25 9.36 4.27 16.91
CA ASP A 25 9.59 3.14 17.82
C ASP A 25 9.84 1.91 16.97
N ILE A 26 10.81 2.04 16.07
CA ILE A 26 11.17 1.05 15.05
C ILE A 26 12.66 0.80 15.12
N PRO A 27 13.12 -0.40 15.48
CA PRO A 27 14.56 -0.65 15.56
C PRO A 27 15.27 -0.39 14.23
N TYR A 28 16.49 0.10 14.33
CA TYR A 28 17.32 0.32 13.16
C TYR A 28 17.71 -1.01 12.55
N ASP A 29 17.65 -1.08 11.23
CA ASP A 29 18.02 -2.27 10.50
C ASP A 29 18.51 -1.85 9.12
N PRO A 30 19.80 -2.06 8.80
CA PRO A 30 20.32 -1.59 7.52
C PRO A 30 20.08 -2.55 6.36
N GLU A 31 19.43 -3.68 6.59
CA GLU A 31 19.27 -4.67 5.54
C GLU A 31 18.15 -4.26 4.59
N PRO A 32 18.39 -4.21 3.28
CA PRO A 32 17.28 -3.95 2.36
C PRO A 32 16.16 -4.97 2.56
N ILE A 33 14.91 -4.50 2.51
CA ILE A 33 13.77 -5.39 2.68
C ILE A 33 13.76 -6.43 1.56
N GLY A 34 14.15 -6.01 0.36
CA GLY A 34 14.53 -6.94 -0.69
C GLY A 34 13.40 -7.63 -1.40
N ARG A 35 12.15 -7.16 -1.24
CA ARG A 35 11.00 -7.85 -1.81
C ARG A 35 10.63 -7.13 -3.10
N TYR A 36 10.79 -7.80 -4.24
CA TYR A 36 10.41 -7.18 -5.50
C TYR A 36 9.02 -7.63 -5.98
N ASN A 37 8.37 -8.57 -5.27
CA ASN A 37 7.14 -9.19 -5.77
C ASN A 37 6.28 -9.56 -4.55
N VAL A 38 5.66 -8.55 -3.96
CA VAL A 38 4.89 -8.69 -2.72
C VAL A 38 3.46 -9.10 -3.05
N ALA A 39 2.99 -10.18 -2.40
CA ALA A 39 1.72 -10.78 -2.80
C ALA A 39 0.72 -10.82 -1.65
N PRO A 40 -0.59 -10.77 -1.95
CA PRO A 40 -1.59 -10.95 -0.91
C PRO A 40 -1.42 -12.26 -0.17
N GLY A 41 -1.78 -12.25 1.12
CA GLY A 41 -1.69 -13.42 1.96
C GLY A 41 -0.36 -13.57 2.67
N THR A 42 0.66 -12.84 2.23
CA THR A 42 1.90 -12.76 2.97
C THR A 42 1.81 -11.61 3.97
N LYS A 43 2.62 -11.70 5.01
CA LYS A 43 2.80 -10.56 5.90
C LYS A 43 3.71 -9.53 5.26
N VAL A 44 3.35 -8.27 5.41
CA VAL A 44 4.05 -7.15 4.78
C VAL A 44 4.34 -6.14 5.86
N LEU A 45 5.56 -5.62 5.89
CA LEU A 45 5.88 -4.53 6.80
C LEU A 45 4.94 -3.35 6.57
N LEU A 46 4.21 -2.96 7.62
CA LEU A 46 3.13 -1.99 7.56
C LEU A 46 3.39 -0.92 8.61
N LEU A 47 3.26 0.34 8.22
CA LEU A 47 3.55 1.48 9.10
C LEU A 47 2.26 2.02 9.71
N SER A 48 2.29 2.31 11.01
CA SER A 48 1.13 2.88 11.69
C SER A 48 1.60 3.68 12.90
N GLU A 49 0.67 4.38 13.55
CA GLU A 49 0.96 5.23 14.69
C GLU A 49 0.18 4.73 15.90
N ARG A 50 0.91 4.47 16.98
CA ARG A 50 0.28 4.15 18.25
C ARG A 50 1.21 4.64 19.36
N ASP A 51 0.60 5.06 20.47
CA ASP A 51 1.36 5.63 21.57
C ASP A 51 2.29 6.74 21.08
N GLU A 52 1.79 7.55 20.17
CA GLU A 52 2.43 8.77 19.69
C GLU A 52 3.76 8.53 18.98
N HIS A 53 4.00 7.30 18.51
CA HIS A 53 5.19 6.98 17.75
C HIS A 53 4.80 6.15 16.54
N LEU A 54 5.66 6.18 15.52
CA LEU A 54 5.47 5.31 14.36
C LEU A 54 6.00 3.92 14.65
N HIS A 55 5.23 2.90 14.25
CA HIS A 55 5.57 1.51 14.45
C HIS A 55 5.52 0.79 13.11
N LEU A 56 6.33 -0.26 12.97
CA LEU A 56 6.39 -1.06 11.74
C LEU A 56 6.19 -2.51 12.12
N ASP A 57 5.08 -3.11 11.68
CA ASP A 57 4.70 -4.48 12.03
C ASP A 57 4.52 -5.32 10.78
N PRO A 58 4.89 -6.60 10.81
CA PRO A 58 4.56 -7.50 9.69
C PRO A 58 3.10 -7.90 9.77
N VAL A 59 2.29 -7.42 8.82
CA VAL A 59 0.84 -7.58 8.88
C VAL A 59 0.36 -8.32 7.63
N PHE A 60 -0.50 -9.32 7.86
CA PHE A 60 -1.17 -10.08 6.80
C PHE A 60 -1.84 -9.15 5.79
N TRP A 61 -1.45 -9.26 4.52
CA TRP A 61 -2.15 -8.48 3.50
C TRP A 61 -3.43 -9.22 3.12
N GLY A 62 -4.54 -8.75 3.65
CA GLY A 62 -5.82 -9.37 3.42
C GLY A 62 -6.73 -9.19 4.60
N TYR A 63 -8.03 -9.30 4.35
CA TYR A 63 -9.02 -9.05 5.39
C TYR A 63 -10.20 -9.99 5.19
N ALA A 64 -10.38 -10.92 6.12
CA ALA A 64 -11.47 -11.91 6.06
C ALA A 64 -11.96 -12.14 7.49
N PRO A 65 -12.94 -11.38 7.93
CA PRO A 65 -13.55 -11.64 9.25
C PRO A 65 -14.19 -13.03 9.31
N GLY A 66 -14.54 -13.43 10.53
CA GLY A 66 -15.12 -14.75 10.72
C GLY A 66 -16.40 -14.96 9.91
N TRP A 67 -17.23 -13.92 9.81
CA TRP A 67 -18.48 -14.01 9.08
C TRP A 67 -18.29 -13.93 7.57
N TRP A 68 -17.05 -13.76 7.10
CA TRP A 68 -16.74 -13.59 5.69
C TRP A 68 -16.50 -14.95 5.05
N ASP A 69 -17.27 -15.26 4.01
CA ASP A 69 -17.28 -16.58 3.39
C ASP A 69 -16.52 -16.62 2.06
N LYS A 70 -15.67 -15.63 1.80
CA LYS A 70 -14.96 -15.54 0.53
C LYS A 70 -13.45 -15.48 0.77
N PRO A 71 -12.64 -15.53 -0.28
CA PRO A 71 -11.22 -15.20 -0.12
C PRO A 71 -11.08 -13.83 0.51
N PRO A 72 -9.99 -13.59 1.24
CA PRO A 72 -9.81 -12.29 1.89
C PRO A 72 -9.80 -11.16 0.87
N LEU A 73 -10.44 -10.05 1.23
CA LEU A 73 -10.31 -8.85 0.43
C LEU A 73 -8.91 -8.27 0.58
N ILE A 74 -8.43 -7.62 -0.47
CA ILE A 74 -7.10 -7.00 -0.46
C ILE A 74 -7.15 -5.50 -0.70
N ASN A 75 -8.28 -4.96 -1.14
CA ASN A 75 -8.44 -3.54 -1.43
C ASN A 75 -9.73 -3.04 -0.81
N ALA A 76 -9.77 -1.74 -0.52
CA ALA A 76 -11.00 -1.06 -0.10
C ALA A 76 -11.17 0.19 -0.95
N ARG A 77 -12.35 0.35 -1.55
CA ARG A 77 -12.58 1.51 -2.41
C ARG A 77 -12.73 2.77 -1.57
N VAL A 78 -11.99 3.81 -1.93
CA VAL A 78 -12.00 5.05 -1.17
C VAL A 78 -13.36 5.73 -1.25
N GLU A 79 -14.11 5.48 -2.33
CA GLU A 79 -15.40 6.14 -2.51
C GLU A 79 -16.39 5.78 -1.42
N THR A 80 -16.23 4.60 -0.80
CA THR A 80 -17.22 4.07 0.11
C THR A 80 -16.66 3.45 1.39
N ALA A 81 -15.34 3.37 1.55
CA ALA A 81 -14.78 2.66 2.70
C ALA A 81 -15.16 3.33 4.03
N ALA A 82 -15.17 4.67 4.06
CA ALA A 82 -15.52 5.34 5.30
C ALA A 82 -16.98 5.10 5.69
N THR A 83 -17.83 4.75 4.72
CA THR A 83 -19.26 4.56 4.91
C THR A 83 -19.67 3.09 5.05
N SER A 84 -18.85 2.16 4.60
CA SER A 84 -19.22 0.77 4.51
C SER A 84 -19.33 0.12 5.88
N ARG A 85 -20.36 -0.70 6.09
CA ARG A 85 -20.50 -1.41 7.36
C ARG A 85 -19.26 -2.26 7.64
N MET A 86 -18.63 -2.79 6.60
CA MET A 86 -17.47 -3.66 6.75
C MET A 86 -16.20 -2.88 7.05
N PHE A 87 -16.03 -1.72 6.43
CA PHE A 87 -14.74 -1.03 6.46
C PHE A 87 -14.71 0.18 7.38
N LYS A 88 -15.86 0.78 7.69
CA LYS A 88 -15.90 1.95 8.56
C LYS A 88 -15.06 1.79 9.82
N PRO A 89 -15.13 0.68 10.57
CA PRO A 89 -14.26 0.56 11.75
C PRO A 89 -12.77 0.61 11.43
N LEU A 90 -12.35 0.02 10.30
CA LEU A 90 -10.93 0.11 9.93
C LEU A 90 -10.57 1.53 9.52
N TRP A 91 -11.50 2.22 8.86
CA TRP A 91 -11.26 3.62 8.48
C TRP A 91 -11.12 4.49 9.73
N GLN A 92 -11.91 4.20 10.77
CA GLN A 92 -11.85 4.96 12.00
C GLN A 92 -10.61 4.63 12.83
N HIS A 93 -10.32 3.35 13.02
CA HIS A 93 -9.34 2.91 14.01
C HIS A 93 -8.08 2.30 13.42
N GLY A 94 -8.13 1.86 12.17
CA GLY A 94 -7.09 1.00 11.65
C GLY A 94 -6.35 1.60 10.48
N ARG A 95 -6.23 2.93 10.42
CA ARG A 95 -5.51 3.53 9.30
C ARG A 95 -4.00 3.27 9.44
N ALA A 96 -3.36 3.07 8.30
CA ALA A 96 -1.94 2.71 8.23
C ALA A 96 -1.39 3.18 6.89
N ILE A 97 -0.08 2.99 6.71
CA ILE A 97 0.62 3.30 5.46
C ILE A 97 1.44 2.09 5.05
N CYS A 98 1.35 1.70 3.77
CA CYS A 98 2.21 0.66 3.23
C CYS A 98 3.15 1.34 2.25
N PHE A 99 4.43 1.43 2.60
CA PHE A 99 5.38 2.06 1.69
C PHE A 99 5.91 1.04 0.67
N ALA A 100 6.27 1.55 -0.50
CA ALA A 100 6.64 0.69 -1.60
C ALA A 100 7.46 1.48 -2.60
N ASP A 101 8.09 0.75 -3.52
CA ASP A 101 8.78 1.36 -4.66
C ASP A 101 7.86 1.70 -5.81
N GLY A 102 6.71 1.03 -5.88
CA GLY A 102 5.79 1.09 -6.99
C GLY A 102 4.93 -0.15 -6.92
N TRP A 103 4.02 -0.28 -7.88
CA TRP A 103 3.13 -1.44 -7.89
C TRP A 103 3.00 -1.99 -9.31
N PHE A 104 2.51 -3.22 -9.40
CA PHE A 104 2.29 -3.88 -10.68
C PHE A 104 0.81 -3.88 -11.01
N GLU A 105 0.51 -3.76 -12.31
CA GLU A 105 -0.83 -3.98 -12.85
C GLU A 105 -0.70 -4.71 -14.18
N TRP A 106 -1.70 -5.54 -14.49
CA TRP A 106 -1.68 -6.32 -15.71
C TRP A 106 -2.69 -5.74 -16.70
N LYS A 107 -2.21 -5.31 -17.86
CA LYS A 107 -3.07 -4.82 -18.92
C LYS A 107 -3.48 -5.99 -19.79
N LYS A 108 -4.78 -6.26 -19.85
CA LYS A 108 -5.24 -7.37 -20.68
C LYS A 108 -5.26 -6.94 -22.14
N GLU A 109 -4.63 -7.73 -23.00
CA GLU A 109 -4.49 -7.45 -24.44
C GLU A 109 -4.96 -8.70 -25.18
N GLY A 110 -6.25 -8.72 -25.54
CA GLY A 110 -6.85 -9.92 -26.09
C GLY A 110 -7.07 -10.94 -24.99
N ASP A 111 -6.53 -12.14 -25.19
CA ASP A 111 -6.50 -13.15 -24.13
C ASP A 111 -5.18 -13.16 -23.37
N LYS A 112 -4.27 -12.25 -23.70
CA LYS A 112 -2.98 -12.15 -23.05
C LYS A 112 -2.97 -11.04 -22.01
N LYS A 113 -2.05 -11.15 -21.05
CA LYS A 113 -1.88 -10.17 -19.99
C LYS A 113 -0.44 -9.70 -19.96
N GLN A 114 -0.24 -8.38 -20.02
CA GLN A 114 1.08 -7.79 -19.95
C GLN A 114 1.22 -7.04 -18.63
N PRO A 115 2.14 -7.44 -17.75
CA PRO A 115 2.34 -6.66 -16.52
C PRO A 115 3.11 -5.37 -16.79
N PHE A 116 2.80 -4.37 -15.97
CA PHE A 116 3.49 -3.09 -15.95
C PHE A 116 3.95 -2.81 -14.54
N PHE A 117 5.07 -2.11 -14.41
CA PHE A 117 5.51 -1.57 -13.12
C PHE A 117 5.28 -0.07 -13.15
N ILE A 118 4.69 0.46 -12.07
CA ILE A 118 4.23 1.84 -12.00
C ILE A 118 4.90 2.49 -10.79
N TYR A 119 5.46 3.68 -10.98
CA TYR A 119 6.34 4.27 -9.98
C TYR A 119 6.33 5.79 -10.14
N ARG A 120 6.82 6.49 -9.12
CA ARG A 120 6.86 7.95 -9.21
C ARG A 120 7.93 8.41 -10.20
N ALA A 121 7.55 9.31 -11.11
CA ALA A 121 8.53 9.84 -12.05
C ALA A 121 9.68 10.54 -11.34
N ASP A 122 9.45 11.06 -10.14
CA ASP A 122 10.51 11.80 -9.46
C ASP A 122 11.46 10.90 -8.69
N GLY A 123 11.26 9.58 -8.73
CA GLY A 123 12.15 8.63 -8.09
C GLY A 123 11.87 8.33 -6.64
N GLN A 124 10.93 9.03 -6.00
CA GLN A 124 10.59 8.81 -4.61
C GLN A 124 9.80 7.51 -4.45
N PRO A 125 9.91 6.86 -3.29
CA PRO A 125 9.00 5.75 -3.00
C PRO A 125 7.58 6.25 -2.85
N ILE A 126 6.63 5.32 -2.81
CA ILE A 126 5.23 5.66 -2.63
C ILE A 126 4.80 5.26 -1.23
N PHE A 127 3.80 6.00 -0.74
CA PHE A 127 3.15 5.75 0.55
C PHE A 127 1.69 5.47 0.26
N MET A 128 1.33 4.19 0.22
CA MET A 128 -0.03 3.77 -0.08
C MET A 128 -0.91 3.83 1.16
N ALA A 129 -2.09 4.43 1.03
CA ALA A 129 -3.03 4.44 2.16
C ALA A 129 -3.58 3.04 2.40
N ALA A 130 -3.60 2.63 3.68
CA ALA A 130 -4.07 1.31 4.08
C ALA A 130 -5.03 1.44 5.25
N ILE A 131 -5.91 0.45 5.39
CA ILE A 131 -6.76 0.31 6.58
C ILE A 131 -6.76 -1.15 7.00
N GLY A 132 -6.88 -1.39 8.30
CA GLY A 132 -6.76 -2.77 8.74
C GLY A 132 -7.19 -2.94 10.18
N SER A 133 -6.98 -4.17 10.67
CA SER A 133 -7.50 -4.61 11.97
C SER A 133 -6.43 -4.42 13.03
N THR A 134 -6.63 -3.44 13.91
CA THR A 134 -5.72 -3.25 15.03
C THR A 134 -6.14 -4.18 16.17
N PRO A 135 -5.19 -4.59 17.03
CA PRO A 135 -3.75 -4.26 17.00
C PRO A 135 -2.98 -5.01 15.90
N PHE A 136 -2.26 -4.23 15.10
CA PHE A 136 -1.47 -4.81 14.02
C PHE A 136 -0.40 -5.79 14.54
N GLU A 137 0.12 -5.54 15.74
CA GLU A 137 1.29 -6.29 16.21
C GLU A 137 0.96 -7.70 16.66
N ARG A 138 -0.31 -8.11 16.66
CA ARG A 138 -0.65 -9.47 17.03
C ARG A 138 -0.34 -10.49 15.93
N GLY A 139 -0.08 -10.08 14.70
CA GLY A 139 0.31 -11.05 13.68
C GLY A 139 -0.83 -11.91 13.20
N ASP A 140 -2.04 -11.36 13.14
CA ASP A 140 -3.21 -12.13 12.75
C ASP A 140 -3.06 -12.65 11.32
N GLU A 141 -3.66 -13.82 11.06
CA GLU A 141 -3.50 -14.47 9.76
C GLU A 141 -4.80 -14.49 8.96
N ALA A 142 -5.79 -13.69 9.37
CA ALA A 142 -7.03 -13.60 8.61
C ALA A 142 -7.45 -12.14 8.45
N GLU A 143 -7.27 -11.34 9.51
CA GLU A 143 -7.69 -9.94 9.53
C GLU A 143 -6.43 -9.08 9.61
N GLY A 144 -5.92 -8.68 8.44
CA GLY A 144 -4.73 -7.87 8.38
C GLY A 144 -5.07 -6.49 7.87
N PHE A 145 -4.47 -6.07 6.76
CA PHE A 145 -4.73 -4.78 6.17
C PHE A 145 -5.16 -4.92 4.71
N LEU A 146 -5.75 -3.83 4.22
CA LEU A 146 -6.12 -3.66 2.83
C LEU A 146 -5.49 -2.37 2.32
N ILE A 147 -5.22 -2.33 1.03
CA ILE A 147 -4.76 -1.11 0.37
C ILE A 147 -5.98 -0.36 -0.15
N VAL A 148 -6.12 0.91 0.24
CA VAL A 148 -7.23 1.70 -0.27
C VAL A 148 -7.00 2.00 -1.75
N THR A 149 -8.05 1.89 -2.56
CA THR A 149 -7.94 2.17 -3.98
C THR A 149 -8.72 3.43 -4.35
N ALA A 150 -8.34 4.02 -5.48
CA ALA A 150 -9.07 5.14 -6.07
C ALA A 150 -9.31 4.84 -7.54
N ALA A 151 -10.22 5.59 -8.15
CA ALA A 151 -10.40 5.45 -9.58
C ALA A 151 -9.12 5.86 -10.29
N ALA A 152 -8.67 5.05 -11.24
CA ALA A 152 -7.52 5.43 -12.03
C ALA A 152 -7.82 6.72 -12.79
N ASP A 153 -6.84 7.61 -12.83
CA ASP A 153 -6.99 8.92 -13.43
C ASP A 153 -5.98 9.06 -14.56
N GLN A 154 -6.23 10.06 -15.41
CA GLN A 154 -5.52 10.33 -16.65
C GLN A 154 -4.83 9.12 -17.26
N GLY A 155 -3.50 9.12 -17.30
CA GLY A 155 -2.79 8.08 -18.03
C GLY A 155 -2.91 6.67 -17.46
N LEU A 156 -3.16 6.54 -16.16
CA LEU A 156 -3.21 5.20 -15.57
C LEU A 156 -4.40 4.40 -16.10
N VAL A 157 -5.47 5.06 -16.55
CA VAL A 157 -6.62 4.35 -17.11
C VAL A 157 -6.23 3.48 -18.29
N ASP A 158 -5.10 3.78 -18.96
CA ASP A 158 -4.67 2.97 -20.09
C ASP A 158 -4.26 1.56 -19.66
N ILE A 159 -3.83 1.41 -18.42
CA ILE A 159 -3.39 0.12 -17.88
C ILE A 159 -4.52 -0.58 -17.15
N HIS A 160 -5.21 0.13 -16.27
CA HIS A 160 -6.16 -0.48 -15.36
C HIS A 160 -7.11 0.59 -14.85
N ASP A 161 -8.33 0.18 -14.50
CA ASP A 161 -9.36 1.14 -14.10
C ASP A 161 -9.25 1.57 -12.64
N ARG A 162 -8.44 0.89 -11.81
CA ARG A 162 -8.25 1.28 -10.42
C ARG A 162 -6.76 1.42 -10.13
N ARG A 163 -6.45 2.09 -9.03
CA ARG A 163 -5.07 2.32 -8.61
C ARG A 163 -5.02 2.38 -7.09
N PRO A 164 -3.87 2.15 -6.49
CA PRO A 164 -3.74 2.42 -5.05
C PRO A 164 -3.87 3.92 -4.77
N LEU A 165 -4.50 4.23 -3.64
CA LEU A 165 -4.53 5.60 -3.14
C LEU A 165 -3.15 5.92 -2.56
N VAL A 166 -2.37 6.72 -3.27
CA VAL A 166 -1.02 7.08 -2.84
C VAL A 166 -1.05 8.50 -2.27
N LEU A 167 -0.46 8.66 -1.08
CA LEU A 167 -0.45 9.95 -0.40
C LEU A 167 0.94 10.57 -0.45
N SER A 168 0.99 11.90 -0.45
CA SER A 168 2.23 12.61 -0.26
C SER A 168 2.82 12.23 1.10
N PRO A 169 4.13 12.37 1.26
CA PRO A 169 4.74 12.10 2.58
C PRO A 169 4.08 12.88 3.71
N GLU A 170 3.73 14.15 3.46
CA GLU A 170 3.09 14.97 4.49
C GLU A 170 1.69 14.46 4.82
N ALA A 171 0.91 14.11 3.79
CA ALA A 171 -0.44 13.59 4.02
C ALA A 171 -0.39 12.20 4.64
N ALA A 172 0.59 11.39 4.25
CA ALA A 172 0.76 10.08 4.87
C ALA A 172 0.94 10.20 6.38
N ARG A 173 1.73 11.18 6.82
CA ARG A 173 1.91 11.38 8.26
C ARG A 173 0.60 11.76 8.93
N GLU A 174 -0.17 12.66 8.32
CA GLU A 174 -1.42 13.08 8.94
C GLU A 174 -2.44 11.95 8.92
N TRP A 175 -2.47 11.17 7.83
CA TRP A 175 -3.35 10.02 7.73
C TRP A 175 -3.19 9.06 8.91
N MET A 176 -1.95 8.86 9.38
CA MET A 176 -1.69 7.88 10.42
C MET A 176 -2.04 8.37 11.82
N ARG A 177 -2.18 9.67 12.03
CA ARG A 177 -2.38 10.22 13.37
C ARG A 177 -3.64 9.64 14.02
N GLN A 178 -3.51 9.21 15.27
CA GLN A 178 -4.65 8.59 15.94
C GLN A 178 -5.69 9.62 16.36
N GLU A 179 -5.29 10.86 16.57
CA GLU A 179 -6.19 11.87 17.11
C GLU A 179 -7.03 12.59 16.05
N ILE A 180 -6.89 12.24 14.78
CA ILE A 180 -7.71 12.83 13.73
C ILE A 180 -8.88 11.90 13.43
N SER A 181 -10.05 12.49 13.19
CA SER A 181 -11.29 11.75 13.01
C SER A 181 -11.35 11.11 11.63
N GLY A 182 -12.36 10.25 11.46
CA GLY A 182 -12.58 9.63 10.17
C GLY A 182 -12.95 10.62 9.09
N LYS A 183 -13.71 11.65 9.46
CA LYS A 183 -14.02 12.70 8.47
C LYS A 183 -12.77 13.48 8.11
N GLU A 184 -11.91 13.77 9.09
CA GLU A 184 -10.62 14.39 8.79
C GLU A 184 -9.80 13.50 7.85
N ALA A 185 -9.84 12.19 8.07
CA ALA A 185 -9.07 11.28 7.22
C ALA A 185 -9.58 11.30 5.78
N SER A 186 -10.89 11.45 5.59
CA SER A 186 -11.42 11.55 4.24
C SER A 186 -10.95 12.83 3.55
N GLU A 187 -10.86 13.93 4.30
CA GLU A 187 -10.29 15.17 3.76
C GLU A 187 -8.83 14.98 3.37
N ILE A 188 -8.06 14.28 4.22
CA ILE A 188 -6.64 14.06 3.93
C ILE A 188 -6.48 13.20 2.69
N ALA A 189 -7.29 12.14 2.57
CA ALA A 189 -7.23 11.28 1.39
C ALA A 189 -7.50 12.07 0.12
N ALA A 190 -8.48 12.97 0.17
CA ALA A 190 -8.85 13.75 -1.01
C ALA A 190 -7.76 14.74 -1.37
N SER A 191 -7.25 15.47 -0.38
CA SER A 191 -6.29 16.54 -0.68
C SER A 191 -4.86 16.04 -0.80
N GLY A 192 -4.53 14.89 -0.21
CA GLY A 192 -3.19 14.36 -0.25
C GLY A 192 -2.92 13.34 -1.33
N CYS A 193 -3.93 12.98 -2.11
CA CYS A 193 -3.75 11.98 -3.16
C CYS A 193 -2.75 12.47 -4.21
N VAL A 194 -1.81 11.60 -4.58
CA VAL A 194 -0.82 11.94 -5.60
C VAL A 194 -1.46 11.71 -6.96
N PRO A 195 -1.49 12.71 -7.83
CA PRO A 195 -2.22 12.55 -9.10
C PRO A 195 -1.47 11.66 -10.07
N ALA A 196 -2.23 11.03 -10.98
CA ALA A 196 -1.65 10.08 -11.92
C ALA A 196 -0.51 10.69 -12.73
N ASN A 197 -0.58 12.00 -13.04
CA ASN A 197 0.49 12.62 -13.82
C ASN A 197 1.86 12.49 -13.16
N GLN A 198 1.92 12.19 -11.87
CA GLN A 198 3.20 12.07 -11.18
C GLN A 198 3.82 10.68 -11.30
N PHE A 199 3.15 9.76 -12.00
CA PHE A 199 3.63 8.40 -12.13
C PHE A 199 4.08 8.12 -13.56
N SER A 200 5.03 7.21 -13.70
CA SER A 200 5.46 6.61 -14.96
C SER A 200 5.30 5.11 -14.86
N TRP A 201 5.35 4.44 -16.02
CA TRP A 201 5.27 2.99 -16.02
C TRP A 201 5.92 2.44 -17.27
N HIS A 202 6.29 1.17 -17.20
CA HIS A 202 6.84 0.47 -18.34
C HIS A 202 6.49 -1.00 -18.22
N PRO A 203 6.39 -1.73 -19.32
CA PRO A 203 6.16 -3.17 -19.22
C PRO A 203 7.34 -3.86 -18.54
N VAL A 204 7.05 -4.96 -17.87
CA VAL A 204 8.06 -5.78 -17.19
C VAL A 204 7.91 -7.22 -17.65
N SER A 205 8.86 -8.06 -17.22
CA SER A 205 8.82 -9.48 -17.56
C SER A 205 7.53 -10.13 -17.04
N ARG A 206 6.97 -11.04 -17.83
CA ARG A 206 5.82 -11.79 -17.36
C ARG A 206 6.17 -12.72 -16.20
N ALA A 207 7.46 -12.89 -15.92
CA ALA A 207 7.87 -13.72 -14.78
C ALA A 207 7.30 -13.22 -13.45
N VAL A 208 6.97 -11.92 -13.35
CA VAL A 208 6.39 -11.42 -12.11
C VAL A 208 5.06 -12.09 -11.78
N GLY A 209 4.35 -12.64 -12.77
CA GLY A 209 3.09 -13.31 -12.48
C GLY A 209 3.21 -14.40 -11.43
N ASN A 210 4.35 -15.10 -11.41
CA ASN A 210 4.57 -16.22 -10.51
C ASN A 210 5.24 -15.72 -9.24
N VAL A 211 4.53 -15.84 -8.11
CA VAL A 211 5.01 -15.27 -6.84
C VAL A 211 6.33 -15.90 -6.40
N LYS A 212 6.70 -17.05 -6.96
CA LYS A 212 8.00 -17.63 -6.63
C LYS A 212 9.15 -16.72 -7.05
N ASN A 213 8.93 -15.91 -8.09
CA ASN A 213 10.00 -15.07 -8.64
C ASN A 213 10.15 -13.78 -7.83
N GLN A 214 11.37 -13.48 -7.42
CA GLN A 214 11.61 -12.35 -6.52
C GLN A 214 12.82 -11.51 -6.93
N GLY A 215 13.27 -11.60 -8.18
CA GLY A 215 14.49 -10.91 -8.59
C GLY A 215 14.30 -9.41 -8.77
N ALA A 216 15.40 -8.67 -8.59
CA ALA A 216 15.44 -7.24 -8.89
C ALA A 216 15.03 -6.95 -10.33
N GLU A 217 15.23 -7.89 -11.25
CA GLU A 217 14.89 -7.67 -12.65
C GLU A 217 13.39 -7.47 -12.86
N LEU A 218 12.57 -7.87 -11.89
CA LEU A 218 11.13 -7.82 -12.10
C LEU A 218 10.58 -6.40 -12.21
N ILE A 219 11.32 -5.39 -11.74
CA ILE A 219 10.85 -4.01 -11.89
C ILE A 219 11.55 -3.30 -13.04
N GLN A 220 12.43 -3.99 -13.79
CA GLN A 220 13.15 -3.35 -14.88
C GLN A 220 12.37 -3.44 -16.19
N PRO A 221 12.57 -2.47 -17.09
CA PRO A 221 11.79 -2.47 -18.35
C PRO A 221 12.19 -3.62 -19.26
N VAL A 222 11.20 -4.06 -20.06
CA VAL A 222 11.46 -4.98 -21.17
C VAL A 222 11.06 -4.28 -22.47
P PED B 6 -11.54 -2.17 -6.54
O1P PED B 6 -10.80 -0.86 -6.39
O2P PED B 6 -12.91 -1.99 -7.19
O5' PED B 6 -10.65 -3.16 -7.40
C2' PED B 6 -6.33 -2.75 -7.91
C5' PED B 6 -9.24 -3.14 -7.21
C4' PED B 6 -8.57 -3.81 -8.40
O4' PED B 6 -8.70 -3.01 -9.58
C3' PED B 6 -7.09 -4.05 -8.12
C1' PED B 6 -5.04 -3.07 -7.18
O3' PED B 6 -6.52 -4.87 -9.16
#